data_5IVU
#
_entry.id   5IVU
#
_cell.length_a   52.927
_cell.length_b   65.937
_cell.length_c   70.757
_cell.angle_alpha   90.00
_cell.angle_beta   90.00
_cell.angle_gamma   90.00
#
_symmetry.space_group_name_H-M   'P 21 21 21'
#
loop_
_entity.id
_entity.type
_entity.pdbx_description
1 polymer Cofilin
2 water water
#
_entity_poly.entity_id   1
_entity_poly.type   'polypeptide(L)'
_entity_poly.pdbx_seq_one_letter_code
;MTSLSGVTLNDACVETYQQLKLGKKLKYIIFHLNKENTEIAVEKSSDSVDYDNFLADLPEDECRWAVYDLEYEKEEGAGK
RNKLTFVSWAPDSAKMKQKMAYASSKDILRRALTGIAVEIQGTDFSEVAHENVLDKASRGH
;
_entity_poly.pdbx_strand_id   A,B
#
# COMPACT_ATOMS: atom_id res chain seq x y z
N GLY A 6 -34.81 -5.58 1.22
CA GLY A 6 -34.17 -4.34 1.77
C GLY A 6 -33.25 -3.60 0.80
N VAL A 7 -32.38 -4.36 0.13
CA VAL A 7 -31.25 -3.78 -0.61
C VAL A 7 -31.28 -4.14 -2.10
N THR A 8 -31.22 -3.10 -2.94
CA THR A 8 -31.39 -3.25 -4.39
C THR A 8 -30.06 -2.93 -5.13
N LEU A 9 -29.81 -3.63 -6.22
CA LEU A 9 -28.60 -3.43 -7.01
C LEU A 9 -28.84 -2.41 -8.12
N ASN A 10 -28.01 -1.36 -8.17
CA ASN A 10 -28.08 -0.36 -9.23
C ASN A 10 -27.62 -0.95 -10.58
N ASP A 11 -28.33 -0.60 -11.66
CA ASP A 11 -28.01 -1.07 -13.01
C ASP A 11 -26.59 -0.69 -13.45
N ALA A 12 -26.14 0.48 -12.99
CA ALA A 12 -24.78 0.97 -13.26
C ALA A 12 -23.64 0.07 -12.75
N CYS A 13 -23.91 -0.77 -11.74
CA CYS A 13 -22.90 -1.70 -11.24
C CYS A 13 -22.45 -2.71 -12.31
N VAL A 14 -23.41 -3.47 -12.86
CA VAL A 14 -23.10 -4.45 -13.90
C VAL A 14 -22.59 -3.75 -15.18
N GLU A 15 -23.20 -2.62 -15.53
CA GLU A 15 -22.80 -1.87 -16.74
C GLU A 15 -21.34 -1.46 -16.70
N THR A 16 -20.93 -0.84 -15.60
CA THR A 16 -19.54 -0.37 -15.44
C THR A 16 -18.56 -1.55 -15.38
N TYR A 17 -18.99 -2.63 -14.75
CA TYR A 17 -18.21 -3.87 -14.69
C TYR A 17 -18.03 -4.45 -16.09
N GLN A 18 -19.11 -4.46 -16.87
CA GLN A 18 -19.02 -4.91 -18.26
C GLN A 18 -18.06 -4.02 -19.05
N GLN A 19 -18.08 -2.71 -18.78
CA GLN A 19 -17.12 -1.79 -19.41
C GLN A 19 -15.66 -2.09 -19.00
N LEU A 20 -15.43 -2.36 -17.70
CA LEU A 20 -14.13 -2.82 -17.24
C LEU A 20 -13.72 -4.10 -17.97
N LYS A 21 -14.66 -5.04 -18.08
CA LYS A 21 -14.40 -6.36 -18.66
C LYS A 21 -14.10 -6.34 -20.17
N LEU A 22 -14.70 -5.41 -20.90
CA LEU A 22 -14.66 -5.30 -22.36
C LEU A 22 -13.81 -4.10 -22.72
N GLY A 23 -12.58 -4.33 -23.14
CA GLY A 23 -11.71 -3.24 -23.58
C GLY A 23 -11.15 -2.42 -22.45
N LYS A 24 -10.31 -1.46 -22.83
CA LYS A 24 -9.31 -0.87 -21.98
C LYS A 24 -9.64 0.59 -21.70
N LYS A 25 -10.71 0.83 -20.94
CA LYS A 25 -10.96 2.15 -20.34
C LYS A 25 -10.83 2.17 -18.82
N LEU A 26 -10.88 0.99 -18.17
CA LEU A 26 -10.96 0.88 -16.72
C LEU A 26 -10.03 -0.21 -16.20
N LYS A 27 -9.39 0.07 -15.07
CA LYS A 27 -8.55 -0.90 -14.38
C LYS A 27 -9.23 -1.40 -13.10
N TYR A 28 -9.97 -0.54 -12.40
CA TYR A 28 -10.77 -0.98 -11.24
C TYR A 28 -12.03 -0.18 -10.97
N ILE A 29 -12.92 -0.76 -10.16
CA ILE A 29 -14.18 -0.15 -9.76
C ILE A 29 -14.36 -0.31 -8.23
N ILE A 30 -14.79 0.75 -7.56
CA ILE A 30 -15.13 0.72 -6.13
C ILE A 30 -16.64 0.80 -5.97
N PHE A 31 -17.23 -0.22 -5.34
CA PHE A 31 -18.67 -0.23 -5.00
C PHE A 31 -18.88 0.04 -3.52
N HIS A 32 -20.07 0.54 -3.18
CA HIS A 32 -20.42 0.89 -1.79
C HIS A 32 -21.96 0.89 -1.58
N LEU A 33 -22.38 0.87 -0.31
CA LEU A 33 -23.81 1.12 0.04
C LEU A 33 -24.05 2.61 0.08
N ASN A 34 -25.25 3.03 -0.32
CA ASN A 34 -25.55 4.49 -0.41
C ASN A 34 -25.75 5.19 0.96
N ASN A 37 -27.90 0.41 4.26
CA ASN A 37 -28.84 1.33 3.61
C ASN A 37 -29.44 0.67 2.35
N THR A 38 -30.01 1.43 1.43
CA THR A 38 -31.01 0.91 0.45
C THR A 38 -30.52 0.39 -0.92
N GLU A 39 -29.40 0.89 -1.43
CA GLU A 39 -28.86 0.43 -2.73
C GLU A 39 -27.33 0.28 -2.77
N ILE A 40 -26.88 -0.71 -3.54
CA ILE A 40 -25.46 -0.86 -3.86
C ILE A 40 -25.19 -0.06 -5.13
N ALA A 41 -24.13 0.76 -5.10
CA ALA A 41 -23.83 1.70 -6.17
C ALA A 41 -22.34 1.76 -6.42
N VAL A 42 -21.97 2.35 -7.57
CA VAL A 42 -20.58 2.59 -7.92
C VAL A 42 -20.15 3.85 -7.22
N GLU A 43 -19.18 3.74 -6.29
CA GLU A 43 -18.56 4.92 -5.70
C GLU A 43 -17.62 5.56 -6.69
N LYS A 44 -16.80 4.74 -7.35
CA LYS A 44 -15.97 5.24 -8.44
C LYS A 44 -15.35 4.19 -9.35
N SER A 45 -14.86 4.70 -10.48
CA SER A 45 -14.08 3.95 -11.46
C SER A 45 -12.73 4.63 -11.61
N SER A 46 -11.76 3.88 -12.12
CA SER A 46 -10.44 4.42 -12.38
C SER A 46 -9.83 3.76 -13.60
N ASP A 47 -9.06 4.56 -14.34
CA ASP A 47 -8.26 4.10 -15.46
C ASP A 47 -6.82 3.87 -15.04
N SER A 48 -6.51 4.11 -13.77
CA SER A 48 -5.12 4.09 -13.29
C SER A 48 -4.53 2.68 -13.27
N VAL A 49 -3.35 2.53 -13.84
CA VAL A 49 -2.60 1.29 -13.82
C VAL A 49 -1.88 1.09 -12.47
N ASP A 50 -1.74 2.16 -11.69
CA ASP A 50 -0.98 2.16 -10.44
C ASP A 50 -1.77 1.50 -9.31
N TYR A 51 -1.32 0.34 -8.86
CA TYR A 51 -1.98 -0.37 -7.77
C TYR A 51 -2.08 0.45 -6.47
N ASP A 52 -1.16 1.39 -6.24
CA ASP A 52 -1.23 2.25 -5.05
C ASP A 52 -2.40 3.24 -5.06
N ASN A 53 -2.84 3.65 -6.25
CA ASN A 53 -4.09 4.44 -6.36
C ASN A 53 -5.32 3.66 -5.94
N PHE A 54 -5.33 2.35 -6.23
CA PHE A 54 -6.38 1.45 -5.76
C PHE A 54 -6.40 1.39 -4.24
N LEU A 55 -5.23 1.12 -3.65
CA LEU A 55 -5.09 1.05 -2.21
C LEU A 55 -5.51 2.34 -1.50
N ALA A 56 -5.25 3.48 -2.14
CA ALA A 56 -5.66 4.79 -1.62
C ALA A 56 -7.17 4.98 -1.58
N ASP A 57 -7.89 4.39 -2.54
CA ASP A 57 -9.37 4.47 -2.55
C ASP A 57 -10.09 3.47 -1.64
N LEU A 58 -9.35 2.56 -1.01
CA LEU A 58 -9.90 1.72 0.05
C LEU A 58 -9.81 2.52 1.35
N PRO A 59 -10.97 3.02 1.85
CA PRO A 59 -10.85 3.86 3.04
C PRO A 59 -10.46 3.01 4.23
N GLU A 60 -9.57 3.54 5.06
CA GLU A 60 -8.98 2.78 6.16
C GLU A 60 -9.97 2.39 7.27
N ASP A 61 -11.08 3.11 7.40
CA ASP A 61 -12.06 2.86 8.46
C ASP A 61 -13.51 2.67 7.93
N GLU A 62 -13.63 2.22 6.67
CA GLU A 62 -14.92 1.92 6.06
C GLU A 62 -14.84 0.68 5.18
N CYS A 63 -15.96 -0.04 5.06
CA CYS A 63 -16.05 -1.17 4.17
C CYS A 63 -16.35 -0.74 2.74
N ARG A 64 -15.83 -1.52 1.79
CA ARG A 64 -16.15 -1.36 0.37
C ARG A 64 -16.14 -2.74 -0.26
N TRP A 65 -16.71 -2.83 -1.45
CA TRP A 65 -16.36 -3.89 -2.41
C TRP A 65 -15.62 -3.25 -3.56
N ALA A 66 -14.83 -4.06 -4.27
CA ALA A 66 -14.16 -3.58 -5.47
C ALA A 66 -13.96 -4.71 -6.43
N VAL A 67 -13.77 -4.33 -7.70
CA VAL A 67 -13.26 -5.25 -8.71
C VAL A 67 -11.98 -4.63 -9.28
N TYR A 68 -10.96 -5.48 -9.44
CA TYR A 68 -9.67 -5.05 -9.94
C TYR A 68 -9.25 -5.99 -11.07
N ASP A 69 -8.84 -5.41 -12.20
CA ASP A 69 -8.37 -6.18 -13.34
C ASP A 69 -6.88 -6.45 -13.14
N LEU A 70 -6.59 -7.53 -12.44
CA LEU A 70 -5.25 -7.83 -11.98
C LEU A 70 -4.43 -8.46 -13.09
N GLU A 71 -3.31 -7.83 -13.42
CA GLU A 71 -2.34 -8.35 -14.38
C GLU A 71 -1.16 -9.00 -13.65
N TYR A 72 -0.69 -10.13 -14.19
CA TYR A 72 0.53 -10.79 -13.65
C TYR A 72 1.26 -11.69 -14.64
N GLU A 73 2.49 -12.01 -14.27
CA GLU A 73 3.41 -12.82 -15.07
C GLU A 73 3.61 -14.17 -14.38
N GLY A 79 4.68 -14.77 -21.25
CA GLY A 79 3.81 -13.60 -21.35
C GLY A 79 3.18 -13.21 -20.03
N LYS A 80 1.94 -12.69 -20.09
CA LYS A 80 1.21 -12.21 -18.91
C LYS A 80 -0.23 -12.74 -18.92
N ARG A 81 -0.82 -12.82 -17.72
CA ARG A 81 -2.22 -13.22 -17.56
C ARG A 81 -3.03 -12.13 -16.84
N ASN A 82 -4.36 -12.11 -17.03
CA ASN A 82 -5.23 -11.20 -16.27
C ASN A 82 -6.27 -11.98 -15.50
N LYS A 83 -6.63 -11.47 -14.33
CA LYS A 83 -7.69 -12.06 -13.54
C LYS A 83 -8.56 -10.99 -12.90
N LEU A 84 -9.85 -11.06 -13.16
CA LEU A 84 -10.82 -10.17 -12.54
C LEU A 84 -10.95 -10.60 -11.08
N THR A 85 -10.65 -9.67 -10.17
CA THR A 85 -10.52 -9.94 -8.75
C THR A 85 -11.58 -9.16 -7.96
N PHE A 86 -12.45 -9.88 -7.26
CA PHE A 86 -13.42 -9.28 -6.34
C PHE A 86 -12.78 -9.17 -4.95
N VAL A 87 -12.96 -8.01 -4.32
CA VAL A 87 -12.34 -7.69 -3.06
C VAL A 87 -13.45 -7.28 -2.11
N SER A 88 -13.61 -7.99 -1.00
CA SER A 88 -14.44 -7.52 0.11
C SER A 88 -13.51 -6.82 1.09
N TRP A 89 -13.66 -5.50 1.22
CA TRP A 89 -12.83 -4.71 2.12
C TRP A 89 -13.62 -4.52 3.40
N ALA A 90 -13.08 -5.02 4.50
CA ALA A 90 -13.75 -5.01 5.80
C ALA A 90 -12.70 -4.78 6.88
N PRO A 91 -12.19 -3.54 6.97
CA PRO A 91 -11.11 -3.25 7.90
C PRO A 91 -11.60 -3.26 9.35
N ASP A 92 -10.72 -3.66 10.26
CA ASP A 92 -11.04 -3.83 11.67
C ASP A 92 -11.66 -2.56 12.30
N SER A 93 -11.12 -1.40 11.96
CA SER A 93 -11.58 -0.12 12.52
C SER A 93 -12.93 0.38 11.99
N ALA A 94 -13.48 -0.24 10.95
CA ALA A 94 -14.83 0.08 10.47
C ALA A 94 -15.85 -0.31 11.53
N LYS A 95 -16.96 0.42 11.56
CA LYS A 95 -18.04 0.14 12.51
C LYS A 95 -18.68 -1.22 12.20
N MET A 96 -19.08 -1.93 13.24
CA MET A 96 -19.68 -3.26 13.09
C MET A 96 -21.03 -3.24 12.35
N LYS A 97 -21.85 -2.23 12.64
CA LYS A 97 -23.11 -2.00 11.90
C LYS A 97 -22.89 -1.95 10.39
N GLN A 98 -21.79 -1.31 9.96
CA GLN A 98 -21.43 -1.24 8.56
C GLN A 98 -20.94 -2.59 8.05
N LYS A 99 -20.10 -3.26 8.83
CA LYS A 99 -19.60 -4.58 8.45
C LYS A 99 -20.72 -5.60 8.27
N MET A 100 -21.73 -5.53 9.15
CA MET A 100 -22.88 -6.43 9.07
C MET A 100 -23.71 -6.16 7.81
N ALA A 101 -23.86 -4.88 7.45
CA ALA A 101 -24.65 -4.51 6.26
C ALA A 101 -23.97 -4.95 4.95
N TYR A 102 -22.65 -4.73 4.86
CA TYR A 102 -21.88 -5.18 3.70
C TYR A 102 -21.85 -6.70 3.62
N ALA A 103 -21.62 -7.36 4.75
CA ALA A 103 -21.67 -8.84 4.80
C ALA A 103 -22.98 -9.41 4.28
N SER A 104 -24.11 -8.81 4.66
CA SER A 104 -25.44 -9.32 4.26
C SER A 104 -25.89 -8.88 2.85
N SER A 105 -25.24 -7.87 2.28
CA SER A 105 -25.49 -7.47 0.89
C SER A 105 -24.46 -7.98 -0.12
N LYS A 106 -23.29 -8.44 0.33
CA LYS A 106 -22.19 -8.85 -0.56
C LYS A 106 -22.64 -9.70 -1.76
N ASP A 107 -23.27 -10.82 -1.45
CA ASP A 107 -23.65 -11.83 -2.45
C ASP A 107 -24.57 -11.33 -3.54
N ILE A 108 -25.38 -10.30 -3.22
CA ILE A 108 -26.22 -9.64 -4.22
C ILE A 108 -25.34 -9.10 -5.35
N LEU A 109 -24.36 -8.27 -4.98
CA LEU A 109 -23.38 -7.73 -5.92
C LEU A 109 -22.51 -8.81 -6.56
N ARG A 110 -22.00 -9.73 -5.75
CA ARG A 110 -21.06 -10.75 -6.22
C ARG A 110 -21.67 -11.68 -7.26
N ARG A 111 -22.93 -12.08 -7.05
CA ARG A 111 -23.67 -12.94 -7.98
C ARG A 111 -23.91 -12.26 -9.36
N ALA A 112 -24.10 -10.94 -9.34
CA ALA A 112 -24.34 -10.17 -10.55
C ALA A 112 -23.12 -9.97 -11.45
N LEU A 113 -21.91 -10.11 -10.90
CA LEU A 113 -20.68 -9.95 -11.67
C LEU A 113 -20.20 -11.30 -12.24
N THR A 114 -20.27 -11.45 -13.56
CA THR A 114 -19.95 -12.71 -14.23
C THR A 114 -18.47 -12.76 -14.56
N GLY A 115 -17.85 -13.91 -14.35
CA GLY A 115 -16.46 -14.15 -14.76
C GLY A 115 -15.39 -13.65 -13.82
N ILE A 116 -15.73 -13.48 -12.54
CA ILE A 116 -14.73 -13.17 -11.50
C ILE A 116 -13.85 -14.41 -11.32
N ALA A 117 -12.54 -14.21 -11.39
CA ALA A 117 -11.56 -15.30 -11.32
C ALA A 117 -11.01 -15.54 -9.93
N VAL A 118 -10.83 -14.47 -9.15
CA VAL A 118 -10.38 -14.58 -7.76
C VAL A 118 -11.17 -13.67 -6.80
N GLU A 119 -11.26 -14.11 -5.55
CA GLU A 119 -11.88 -13.36 -4.47
C GLU A 119 -10.90 -13.13 -3.34
N ILE A 120 -10.97 -11.93 -2.77
CA ILE A 120 -10.14 -11.54 -1.65
C ILE A 120 -11.08 -10.99 -0.57
N GLN A 121 -10.87 -11.44 0.67
CA GLN A 121 -11.49 -10.86 1.84
C GLN A 121 -10.35 -10.16 2.55
N GLY A 122 -10.45 -8.84 2.72
CA GLY A 122 -9.37 -8.05 3.30
C GLY A 122 -9.82 -7.36 4.57
N THR A 123 -9.11 -7.63 5.67
CA THR A 123 -9.34 -6.99 6.97
C THR A 123 -8.23 -6.02 7.40
N ASP A 124 -7.15 -5.96 6.65
CA ASP A 124 -6.06 -5.02 6.94
C ASP A 124 -5.32 -4.78 5.61
N PHE A 125 -4.57 -3.69 5.54
CA PHE A 125 -3.91 -3.31 4.29
C PHE A 125 -2.92 -4.35 3.76
N SER A 126 -2.30 -5.13 4.62
CA SER A 126 -1.39 -6.21 4.17
C SER A 126 -2.10 -7.32 3.38
N GLU A 127 -3.38 -7.52 3.68
CA GLU A 127 -4.19 -8.53 3.00
C GLU A 127 -4.65 -8.13 1.59
N VAL A 128 -4.57 -6.84 1.26
CA VAL A 128 -4.84 -6.34 -0.10
C VAL A 128 -3.60 -5.74 -0.79
N ALA A 129 -2.42 -5.90 -0.18
CA ALA A 129 -1.15 -5.48 -0.79
C ALA A 129 -0.92 -6.27 -2.06
N HIS A 130 -0.28 -5.62 -3.05
CA HIS A 130 -0.22 -6.15 -4.41
C HIS A 130 0.36 -7.56 -4.43
N GLU A 131 1.48 -7.76 -3.75
CA GLU A 131 2.16 -9.06 -3.71
C GLU A 131 1.28 -10.17 -3.14
N ASN A 132 0.54 -9.84 -2.08
CA ASN A 132 -0.37 -10.80 -1.43
C ASN A 132 -1.51 -11.18 -2.38
N VAL A 133 -2.00 -10.21 -3.14
CA VAL A 133 -3.08 -10.41 -4.10
C VAL A 133 -2.59 -11.21 -5.32
N LEU A 134 -1.38 -10.91 -5.80
CA LEU A 134 -0.74 -11.69 -6.88
C LEU A 134 -0.48 -13.14 -6.44
N ASP A 135 0.03 -13.32 -5.22
CA ASP A 135 0.18 -14.63 -4.59
C ASP A 135 -1.11 -15.45 -4.68
N LYS A 136 -2.19 -14.92 -4.12
CA LYS A 136 -3.50 -15.61 -4.13
C LYS A 136 -4.04 -15.84 -5.53
N ALA A 137 -3.73 -14.94 -6.45
CA ALA A 137 -4.13 -15.08 -7.86
C ALA A 137 -3.38 -16.17 -8.66
N SER A 138 -2.48 -16.92 -8.02
CA SER A 138 -1.94 -18.15 -8.60
C SER A 138 -1.97 -19.32 -7.60
N GLY B 6 -3.70 -5.52 16.98
CA GLY B 6 -3.70 -4.75 15.69
C GLY B 6 -2.63 -3.67 15.72
N VAL B 7 -2.29 -3.12 14.55
CA VAL B 7 -1.18 -2.16 14.42
C VAL B 7 -1.67 -0.78 13.92
N THR B 8 -1.34 0.26 14.69
CA THR B 8 -1.84 1.61 14.44
C THR B 8 -0.69 2.55 14.03
N LEU B 9 -0.99 3.49 13.12
CA LEU B 9 0.00 4.46 12.63
C LEU B 9 -0.01 5.72 13.49
N ASN B 10 1.17 6.09 14.04
CA ASN B 10 1.29 7.37 14.76
C ASN B 10 1.14 8.57 13.84
N ASP B 11 0.44 9.60 14.32
CA ASP B 11 0.28 10.86 13.56
C ASP B 11 1.63 11.51 13.24
N ALA B 12 2.61 11.36 14.14
CA ALA B 12 3.97 11.88 13.96
C ALA B 12 4.72 11.34 12.72
N CYS B 13 4.32 10.17 12.23
CA CYS B 13 4.94 9.60 11.04
C CYS B 13 4.72 10.48 9.81
N VAL B 14 3.45 10.76 9.49
CA VAL B 14 3.11 11.61 8.34
C VAL B 14 3.60 13.05 8.56
N GLU B 15 3.46 13.56 9.77
CA GLU B 15 3.89 14.93 10.10
C GLU B 15 5.38 15.13 9.83
N THR B 16 6.22 14.24 10.34
CA THR B 16 7.68 14.32 10.17
C THR B 16 8.08 14.13 8.71
N TYR B 17 7.38 13.25 8.01
CA TYR B 17 7.56 13.03 6.59
C TYR B 17 7.22 14.29 5.79
N GLN B 18 6.10 14.93 6.13
CA GLN B 18 5.75 16.21 5.52
C GLN B 18 6.81 17.27 5.77
N GLN B 19 7.39 17.27 6.98
CA GLN B 19 8.50 18.17 7.29
C GLN B 19 9.74 17.88 6.42
N LEU B 20 10.08 16.60 6.27
CA LEU B 20 11.15 16.17 5.36
C LEU B 20 10.86 16.64 3.94
N LYS B 21 9.62 16.45 3.51
CA LYS B 21 9.20 16.78 2.15
C LYS B 21 9.30 18.27 1.78
N LEU B 22 9.15 19.18 2.75
CA LEU B 22 9.35 20.61 2.40
C LEU B 22 10.84 21.11 2.52
N GLY B 23 11.78 20.19 2.70
CA GLY B 23 13.17 20.40 2.27
C GLY B 23 14.20 21.00 3.24
N LYS B 24 13.73 21.80 4.19
CA LYS B 24 14.64 22.73 4.91
C LYS B 24 15.43 22.10 6.08
N LYS B 25 14.88 21.08 6.74
CA LYS B 25 15.38 20.63 8.05
C LYS B 25 15.80 19.16 8.19
N LEU B 26 15.40 18.30 7.25
CA LEU B 26 15.59 16.85 7.38
C LEU B 26 16.07 16.24 6.09
N LYS B 27 16.97 15.26 6.21
CA LYS B 27 17.44 14.47 5.08
C LYS B 27 16.88 13.04 5.09
N TYR B 28 16.70 12.45 6.28
CA TYR B 28 16.06 11.13 6.39
C TYR B 28 15.30 10.89 7.68
N ILE B 29 14.44 9.88 7.65
CA ILE B 29 13.62 9.46 8.80
C ILE B 29 13.70 7.94 8.93
N ILE B 30 13.90 7.46 10.15
CA ILE B 30 13.87 6.03 10.46
C ILE B 30 12.58 5.71 11.22
N PHE B 31 11.75 4.83 10.66
CA PHE B 31 10.56 4.34 11.31
C PHE B 31 10.76 2.92 11.84
N HIS B 32 9.98 2.56 12.86
CA HIS B 32 10.10 1.25 13.50
C HIS B 32 8.79 0.85 14.20
N LEU B 33 8.65 -0.43 14.52
CA LEU B 33 7.55 -0.91 15.36
C LEU B 33 7.97 -0.75 16.82
N ASN B 34 7.01 -0.36 17.65
CA ASN B 34 7.24 0.10 19.01
C ASN B 34 6.18 -0.49 19.91
N LYS B 35 6.49 -0.58 21.20
CA LYS B 35 5.51 -0.91 22.23
C LYS B 35 4.88 -2.27 21.97
N GLU B 36 5.76 -3.29 21.91
CA GLU B 36 5.40 -4.68 21.57
C GLU B 36 4.60 -4.74 20.26
N ASN B 37 5.15 -4.06 19.25
CA ASN B 37 4.62 -4.02 17.88
C ASN B 37 3.15 -3.58 17.69
N THR B 38 2.64 -2.76 18.62
CA THR B 38 1.28 -2.19 18.55
C THR B 38 1.18 -0.91 17.70
N GLU B 39 2.28 -0.16 17.56
CA GLU B 39 2.28 1.08 16.75
C GLU B 39 3.55 1.28 15.94
N ILE B 40 3.38 1.86 14.75
CA ILE B 40 4.49 2.30 13.93
C ILE B 40 4.82 3.73 14.36
N ALA B 41 6.09 3.99 14.61
CA ALA B 41 6.53 5.27 15.16
C ALA B 41 7.83 5.70 14.51
N VAL B 42 8.16 6.97 14.71
CA VAL B 42 9.44 7.54 14.27
C VAL B 42 10.50 7.15 15.31
N GLU B 43 11.48 6.35 14.91
CA GLU B 43 12.65 6.09 15.76
C GLU B 43 13.60 7.27 15.76
N LYS B 44 13.93 7.78 14.57
CA LYS B 44 14.93 8.83 14.35
C LYS B 44 14.59 9.77 13.18
N SER B 45 14.89 11.06 13.32
CA SER B 45 15.05 11.97 12.20
C SER B 45 16.50 12.43 12.19
N SER B 46 16.95 12.89 11.03
CA SER B 46 18.30 13.39 10.90
C SER B 46 18.35 14.52 9.90
N ASP B 47 19.21 15.48 10.20
CA ASP B 47 19.53 16.57 9.30
C ASP B 47 20.82 16.28 8.52
N SER B 48 21.43 15.12 8.75
CA SER B 48 22.75 14.82 8.18
C SER B 48 22.70 14.57 6.68
N VAL B 49 23.57 15.25 5.96
CA VAL B 49 23.74 15.08 4.52
C VAL B 49 24.57 13.80 4.20
N ASP B 50 25.29 13.27 5.20
CA ASP B 50 26.20 12.15 5.02
C ASP B 50 25.43 10.84 4.94
N TYR B 51 25.45 10.23 3.76
CA TYR B 51 24.80 8.94 3.55
C TYR B 51 25.28 7.83 4.51
N ASP B 52 26.53 7.89 4.96
CA ASP B 52 27.06 6.91 5.93
C ASP B 52 26.41 6.97 7.31
N ASN B 53 25.95 8.14 7.71
CA ASN B 53 25.15 8.27 8.94
C ASN B 53 23.82 7.56 8.83
N PHE B 54 23.22 7.59 7.63
CA PHE B 54 22.00 6.84 7.35
C PHE B 54 22.26 5.36 7.51
N LEU B 55 23.31 4.88 6.86
CA LEU B 55 23.69 3.47 6.93
C LEU B 55 23.95 3.01 8.37
N ALA B 56 24.53 3.88 9.18
CA ALA B 56 24.83 3.58 10.59
C ALA B 56 23.55 3.41 11.42
N ASP B 57 22.49 4.14 11.08
CA ASP B 57 21.21 4.01 11.79
C ASP B 57 20.35 2.81 11.35
N LEU B 58 20.76 2.09 10.30
CA LEU B 58 20.14 0.83 9.93
C LEU B 58 20.80 -0.26 10.78
N PRO B 59 20.08 -0.78 11.80
CA PRO B 59 20.75 -1.76 12.66
C PRO B 59 20.99 -3.04 11.90
N GLU B 60 22.15 -3.63 12.11
CA GLU B 60 22.59 -4.78 11.32
C GLU B 60 21.77 -6.05 11.53
N ASP B 61 21.08 -6.16 12.67
CA ASP B 61 20.32 -7.35 13.03
C ASP B 61 18.85 -7.05 13.39
N GLU B 62 18.33 -5.93 12.89
CA GLU B 62 16.92 -5.57 13.09
C GLU B 62 16.33 -4.96 11.82
N CYS B 63 15.03 -5.13 11.64
CA CYS B 63 14.30 -4.48 10.57
C CYS B 63 13.95 -3.03 10.90
N ARG B 64 13.90 -2.21 9.85
CA ARG B 64 13.40 -0.83 9.94
C ARG B 64 12.71 -0.50 8.63
N TRP B 65 11.92 0.58 8.64
CA TRP B 65 11.60 1.32 7.41
C TRP B 65 12.31 2.66 7.48
N ALA B 66 12.52 3.27 6.33
CA ALA B 66 13.08 4.61 6.31
C ALA B 66 12.61 5.35 5.09
N VAL B 67 12.68 6.68 5.17
CA VAL B 67 12.55 7.53 4.01
C VAL B 67 13.83 8.34 3.91
N TYR B 68 14.37 8.44 2.70
CA TYR B 68 15.60 9.18 2.44
C TYR B 68 15.36 10.14 1.30
N ASP B 69 15.75 11.40 1.49
CA ASP B 69 15.61 12.40 0.44
C ASP B 69 16.88 12.32 -0.41
N LEU B 70 16.82 11.47 -1.42
CA LEU B 70 17.97 11.12 -2.23
C LEU B 70 18.24 12.18 -3.30
N GLU B 71 19.43 12.77 -3.26
CA GLU B 71 19.89 13.77 -4.23
C GLU B 71 20.81 13.12 -5.26
N TYR B 72 20.69 13.54 -6.51
CA TYR B 72 21.59 13.08 -7.58
C TYR B 72 21.64 14.09 -8.75
N GLU B 73 22.81 14.27 -9.38
CA GLU B 73 22.95 15.07 -10.62
C GLU B 73 23.12 14.17 -11.84
N ALA B 78 23.60 20.78 -15.87
CA ALA B 78 22.46 21.65 -15.63
C ALA B 78 22.26 21.91 -14.14
N GLY B 79 21.91 20.87 -13.38
CA GLY B 79 21.67 20.98 -11.94
C GLY B 79 21.52 19.63 -11.24
N LYS B 80 20.65 19.57 -10.23
CA LYS B 80 20.44 18.36 -9.41
C LYS B 80 18.94 18.07 -9.25
N ARG B 81 18.62 16.80 -9.02
CA ARG B 81 17.24 16.37 -8.76
C ARG B 81 17.19 15.53 -7.48
N ASN B 82 15.98 15.40 -6.96
CA ASN B 82 15.74 14.69 -5.71
C ASN B 82 14.66 13.64 -5.88
N LYS B 83 14.77 12.54 -5.12
CA LYS B 83 13.75 11.51 -5.12
C LYS B 83 13.53 10.99 -3.71
N LEU B 84 12.29 11.07 -3.24
CA LEU B 84 11.93 10.54 -1.94
C LEU B 84 11.90 9.03 -2.06
N THR B 85 12.73 8.37 -1.24
CA THR B 85 13.01 6.97 -1.36
C THR B 85 12.54 6.24 -0.10
N PHE B 86 11.60 5.30 -0.26
CA PHE B 86 11.18 4.39 0.80
C PHE B 86 12.09 3.16 0.81
N VAL B 87 12.54 2.77 2.01
CA VAL B 87 13.48 1.66 2.20
C VAL B 87 12.87 0.68 3.18
N SER B 88 12.66 -0.56 2.76
CA SER B 88 12.33 -1.64 3.68
C SER B 88 13.64 -2.33 4.03
N TRP B 89 14.06 -2.21 5.28
CA TRP B 89 15.31 -2.83 5.75
C TRP B 89 14.96 -4.13 6.45
N ALA B 90 15.46 -5.24 5.92
CA ALA B 90 15.10 -6.59 6.39
C ALA B 90 16.35 -7.47 6.29
N PRO B 91 17.34 -7.23 7.16
CA PRO B 91 18.60 -7.94 7.08
C PRO B 91 18.45 -9.41 7.50
N ASP B 92 19.25 -10.27 6.88
CA ASP B 92 19.15 -11.73 7.07
C ASP B 92 19.23 -12.15 8.54
N SER B 93 20.13 -11.51 9.29
CA SER B 93 20.35 -11.85 10.70
C SER B 93 19.25 -11.37 11.66
N ALA B 94 18.30 -10.56 11.19
CA ALA B 94 17.12 -10.19 12.00
C ALA B 94 16.24 -11.42 12.24
N LYS B 95 15.55 -11.42 13.38
CA LYS B 95 14.66 -12.52 13.73
C LYS B 95 13.46 -12.58 12.77
N MET B 96 13.01 -13.79 12.44
CA MET B 96 11.93 -13.99 11.50
C MET B 96 10.60 -13.43 12.01
N LYS B 97 10.32 -13.58 13.30
CA LYS B 97 9.16 -12.98 13.96
C LYS B 97 9.09 -11.47 13.71
N GLN B 98 10.24 -10.81 13.75
CA GLN B 98 10.33 -9.38 13.46
C GLN B 98 10.12 -9.08 11.98
N LYS B 99 10.76 -9.87 11.10
CA LYS B 99 10.58 -9.72 9.66
C LYS B 99 9.11 -9.91 9.21
N MET B 100 8.43 -10.86 9.83
CA MET B 100 7.02 -11.10 9.55
C MET B 100 6.15 -9.92 9.99
N ALA B 101 6.48 -9.32 11.13
CA ALA B 101 5.70 -8.19 11.68
C ALA B 101 5.85 -6.93 10.82
N TYR B 102 7.09 -6.64 10.42
CA TYR B 102 7.38 -5.52 9.53
C TYR B 102 6.73 -5.73 8.15
N ALA B 103 6.88 -6.93 7.61
CA ALA B 103 6.23 -7.30 6.33
C ALA B 103 4.72 -7.07 6.35
N SER B 104 4.05 -7.45 7.44
CA SER B 104 2.59 -7.32 7.54
C SER B 104 2.11 -5.92 7.98
N SER B 105 3.00 -5.08 8.49
CA SER B 105 2.68 -3.67 8.76
C SER B 105 3.18 -2.66 7.71
N LYS B 106 4.11 -3.06 6.84
CA LYS B 106 4.73 -2.14 5.87
C LYS B 106 3.73 -1.24 5.15
N ASP B 107 2.75 -1.84 4.48
CA ASP B 107 1.82 -1.12 3.61
C ASP B 107 0.99 -0.06 4.31
N ILE B 108 0.76 -0.25 5.62
CA ILE B 108 0.08 0.75 6.44
C ILE B 108 0.88 2.05 6.35
N LEU B 109 2.17 1.97 6.69
CA LEU B 109 3.07 3.13 6.64
C LEU B 109 3.27 3.63 5.21
N ARG B 110 3.50 2.71 4.29
CA ARG B 110 3.81 3.08 2.90
C ARG B 110 2.66 3.84 2.20
N ARG B 111 1.43 3.40 2.45
CA ARG B 111 0.23 4.03 1.88
C ARG B 111 0.04 5.47 2.40
N ALA B 112 0.42 5.70 3.66
CA ALA B 112 0.29 7.01 4.29
C ALA B 112 1.28 8.08 3.78
N LEU B 113 2.40 7.66 3.20
CA LEU B 113 3.41 8.60 2.70
C LEU B 113 3.17 8.92 1.22
N THR B 114 2.77 10.16 0.95
CA THR B 114 2.38 10.61 -0.38
C THR B 114 3.63 11.11 -1.15
N GLY B 115 3.73 10.76 -2.43
CA GLY B 115 4.80 11.24 -3.29
C GLY B 115 6.15 10.53 -3.20
N ILE B 116 6.17 9.29 -2.72
CA ILE B 116 7.39 8.47 -2.74
C ILE B 116 7.71 8.18 -4.20
N ALA B 117 8.94 8.45 -4.61
CA ALA B 117 9.38 8.27 -6.00
C ALA B 117 10.02 6.91 -6.26
N VAL B 118 10.79 6.38 -5.28
CA VAL B 118 11.42 5.06 -5.40
C VAL B 118 11.28 4.22 -4.13
N GLU B 119 11.27 2.91 -4.31
CA GLU B 119 11.24 1.93 -3.22
C GLU B 119 12.45 1.00 -3.30
N ILE B 120 13.01 0.68 -2.14
CA ILE B 120 14.13 -0.23 -2.00
C ILE B 120 13.76 -1.28 -0.96
N GLN B 121 14.04 -2.54 -1.29
CA GLN B 121 13.96 -3.63 -0.33
C GLN B 121 15.42 -4.03 -0.13
N GLY B 122 15.90 -3.93 1.11
CA GLY B 122 17.31 -4.23 1.44
C GLY B 122 17.43 -5.37 2.42
N THR B 123 18.16 -6.41 2.04
CA THR B 123 18.46 -7.57 2.90
C THR B 123 19.92 -7.66 3.34
N ASP B 124 20.75 -6.77 2.83
CA ASP B 124 22.15 -6.73 3.14
C ASP B 124 22.64 -5.32 2.93
N PHE B 125 23.74 -4.94 3.57
CA PHE B 125 24.25 -3.59 3.44
C PHE B 125 24.61 -3.15 2.00
N SER B 126 25.02 -4.08 1.15
CA SER B 126 25.31 -3.75 -0.26
C SER B 126 24.06 -3.31 -1.04
N GLU B 127 22.90 -3.80 -0.62
CA GLU B 127 21.63 -3.45 -1.25
C GLU B 127 21.09 -2.05 -0.90
N VAL B 128 21.63 -1.45 0.16
CA VAL B 128 21.31 -0.06 0.53
C VAL B 128 22.52 0.89 0.41
N ALA B 129 23.62 0.40 -0.14
CA ALA B 129 24.80 1.24 -0.43
C ALA B 129 24.41 2.35 -1.40
N HIS B 130 25.03 3.52 -1.24
CA HIS B 130 24.59 4.73 -1.93
C HIS B 130 24.53 4.54 -3.46
N GLU B 131 25.59 3.97 -4.04
CA GLU B 131 25.66 3.74 -5.48
C GLU B 131 24.52 2.83 -5.99
N ASN B 132 24.22 1.78 -5.22
CA ASN B 132 23.15 0.84 -5.57
C ASN B 132 21.78 1.52 -5.52
N VAL B 133 21.60 2.42 -4.55
CA VAL B 133 20.36 3.20 -4.42
C VAL B 133 20.22 4.26 -5.50
N LEU B 134 21.32 4.95 -5.84
CA LEU B 134 21.34 5.90 -6.95
C LEU B 134 21.05 5.18 -8.27
N ASP B 135 21.68 4.02 -8.48
CA ASP B 135 21.39 3.18 -9.65
C ASP B 135 19.90 2.90 -9.82
N LYS B 136 19.27 2.33 -8.80
CA LYS B 136 17.83 2.05 -8.83
C LYS B 136 16.97 3.31 -8.98
N ALA B 137 17.43 4.44 -8.44
CA ALA B 137 16.76 5.74 -8.60
C ALA B 137 16.81 6.35 -10.02
N SER B 138 17.43 5.67 -10.98
CA SER B 138 17.32 6.06 -12.39
C SER B 138 16.92 4.92 -13.34
N ARG B 139 16.80 3.69 -12.84
CA ARG B 139 16.24 2.60 -13.64
C ARG B 139 14.78 2.30 -13.27
N GLY B 140 14.01 3.33 -12.87
CA GLY B 140 12.62 3.16 -12.39
C GLY B 140 12.58 2.96 -10.88
N HIS B 141 11.73 2.05 -10.41
CA HIS B 141 11.67 1.62 -8.99
C HIS B 141 11.02 2.64 -8.08
#